data_9V4X
#
_entry.id   9V4X
#
_cell.length_a   37.885
_cell.length_b   48.991
_cell.length_c   120.122
_cell.angle_alpha   90.00
_cell.angle_beta   90.00
_cell.angle_gamma   90.00
#
_symmetry.space_group_name_H-M   'P 2 2 2'
#
loop_
_entity.id
_entity.type
_entity.pdbx_description
1 polymer 'RNA (71-MER)'
2 non-polymer 5-azanyl-3,6-dihydro-[1,2,3]triazolo[4,5-d]pyrimidin-7-one
3 water water
#
_entity_poly.entity_id   1
_entity_poly.type   'polyribonucleotide'
_entity_poly.pdbx_seq_one_letter_code
;GGGUUGUAUAAGCUCGUUAAUUUGGAAUGAGCGUAUCUACAGGCAACCGUAAAUUGCCCCAGGCUACAAUC
;
_entity_poly.pdbx_strand_id   A
#
loop_
_chem_comp.id
_chem_comp.type
_chem_comp.name
_chem_comp.formula
9QC non-polymer 5-azanyl-3,6-dihydro-[1,2,3]triazolo[4,5-d]pyrimidin-7-one 'C4 H4 N6 O'
A RNA linking ADENOSINE-5'-MONOPHOSPHATE 'C10 H14 N5 O7 P'
C RNA linking CYTIDINE-5'-MONOPHOSPHATE 'C9 H14 N3 O8 P'
G RNA linking GUANOSINE-5'-MONOPHOSPHATE 'C10 H14 N5 O8 P'
U RNA linking URIDINE-5'-MONOPHOSPHATE 'C9 H13 N2 O9 P'
#
# COMPACT_ATOMS: atom_id res chain seq x y z
C4 9QC B . -0.72 -0.68 -0.02
N3 9QC B . -1.56 0.29 0.40
C2 9QC B . -0.96 1.49 0.53
N2 9QC B . -1.66 2.53 0.97
N1 9QC B . 0.37 1.68 0.27
C6 9QC B . 1.25 0.71 -0.16
O6 9QC B . 2.44 0.96 -0.36
C5 9QC B . 0.62 -0.57 -0.30
N7 9QC B . 1.11 -1.79 -0.61
N8 9QC B . 0.11 -2.64 -0.54
N9 9QC B . -1.01 -1.98 -0.18
#